data_5U2L
#
_entry.id   5U2L
#
_cell.length_a   55.242
_cell.length_b   55.242
_cell.length_c   109.143
_cell.angle_alpha   90.00
_cell.angle_beta   90.00
_cell.angle_gamma   120.00
#
_symmetry.space_group_name_H-M   'P 32 2 1'
#
loop_
_entity.id
_entity.type
_entity.pdbx_description
1 polymer 'Heat shock protein 104'
2 water water
#
_entity_poly.entity_id   1
_entity_poly.type   'polypeptide(L)'
_entity_poly.pdbx_seq_one_letter_code
;MEDFTDNAIKIINNATELAKQQANSQLLPLHFLAAFIPSDDTEGSTQYLKTLVKRARYEWGDFERIVNRHLVKIPSQNPP
PDEIRPSYQAGQVLTKANKIKQQQKDSYVAQDHILLALLEDQSIKDIFKEAGMSVDTIKTQAIELRGSQRIDSRQADSSS
SYEF
;
_entity_poly.pdbx_strand_id   A
#
# COMPACT_ATOMS: atom_id res chain seq x y z
N GLU A 2 -9.84 12.73 -9.49
CA GLU A 2 -9.97 12.13 -8.18
C GLU A 2 -9.29 12.97 -7.11
N ASP A 3 -9.88 12.99 -5.92
CA ASP A 3 -9.29 13.72 -4.80
C ASP A 3 -8.75 12.73 -3.80
N PHE A 4 -7.62 13.06 -3.18
CA PHE A 4 -6.90 12.13 -2.32
C PHE A 4 -6.78 12.67 -0.90
N THR A 5 -6.82 11.80 0.09
CA THR A 5 -6.58 12.24 1.46
C THR A 5 -5.12 12.60 1.61
N ASP A 6 -4.81 13.35 2.67
CA ASP A 6 -3.44 13.73 2.98
C ASP A 6 -2.58 12.47 3.07
N ASN A 7 -3.09 11.44 3.74
CA ASN A 7 -2.32 10.22 3.95
C ASN A 7 -2.08 9.44 2.67
N ALA A 8 -3.09 9.41 1.78
CA ALA A 8 -2.92 8.75 0.49
C ALA A 8 -1.84 9.44 -0.35
N ILE A 9 -1.82 10.77 -0.32
CA ILE A 9 -0.78 11.50 -1.04
C ILE A 9 0.60 11.16 -0.51
N LYS A 10 0.71 11.09 0.82
CA LYS A 10 1.98 10.71 1.44
C LYS A 10 2.44 9.32 1.01
N ILE A 11 1.50 8.36 0.97
CA ILE A 11 1.82 7.00 0.54
C ILE A 11 2.35 7.00 -0.89
N ILE A 12 1.63 7.66 -1.77
CA ILE A 12 2.01 7.68 -3.19
C ILE A 12 3.35 8.37 -3.39
N ASN A 13 3.55 9.51 -2.72
CA ASN A 13 4.82 10.19 -2.81
C ASN A 13 5.98 9.36 -2.24
N ASN A 14 5.76 8.70 -1.11
CA ASN A 14 6.85 7.96 -0.49
C ASN A 14 7.22 6.73 -1.31
N ALA A 15 6.24 6.12 -1.96
CA ALA A 15 6.46 4.97 -2.84
C ALA A 15 7.37 5.38 -4.00
N THR A 16 7.09 6.54 -4.59
CA THR A 16 7.91 7.05 -5.68
C THR A 16 9.32 7.37 -5.20
N GLU A 17 9.43 7.95 -3.99
CA GLU A 17 10.75 8.27 -3.43
C GLU A 17 11.57 7.01 -3.18
N LEU A 18 10.94 5.94 -2.71
CA LEU A 18 11.64 4.70 -2.47
C LEU A 18 12.21 4.14 -3.76
N ALA A 19 11.38 4.12 -4.81
CA ALA A 19 11.82 3.64 -6.11
C ALA A 19 12.99 4.48 -6.64
N LYS A 20 12.91 5.78 -6.44
CA LYS A 20 13.98 6.69 -6.86
C LYS A 20 15.29 6.44 -6.14
N GLN A 21 15.22 6.31 -4.81
CA GLN A 21 16.42 6.13 -3.99
C GLN A 21 17.11 4.82 -4.30
N GLN A 22 16.33 3.81 -4.68
CA GLN A 22 16.88 2.48 -4.98
C GLN A 22 17.26 2.31 -6.45
N ALA A 23 17.04 3.36 -7.23
CA ALA A 23 17.30 3.34 -8.68
C ALA A 23 16.57 2.19 -9.37
N ASN A 24 15.35 1.88 -8.94
CA ASN A 24 14.58 0.83 -9.58
C ASN A 24 14.00 1.33 -10.92
N SER A 25 13.75 0.41 -11.85
CA SER A 25 13.34 0.79 -13.20
C SER A 25 11.90 1.27 -13.27
N GLN A 26 11.06 0.74 -12.39
CA GLN A 26 9.63 1.05 -12.39
C GLN A 26 9.08 1.13 -10.99
N LEU A 27 7.99 1.86 -10.84
CA LEU A 27 7.22 1.85 -9.61
C LEU A 27 6.39 0.58 -9.56
N LEU A 28 6.51 -0.18 -8.47
CA LEU A 28 5.87 -1.49 -8.34
C LEU A 28 4.84 -1.47 -7.22
N PRO A 29 3.88 -2.40 -7.23
CA PRO A 29 3.01 -2.53 -6.06
C PRO A 29 3.81 -2.63 -4.75
N LEU A 30 4.94 -3.33 -4.79
CA LEU A 30 5.82 -3.45 -3.62
C LEU A 30 6.21 -2.08 -3.06
N HIS A 31 6.47 -1.09 -3.92
CA HIS A 31 6.83 0.23 -3.42
C HIS A 31 5.67 0.89 -2.67
N PHE A 32 4.45 0.71 -3.15
CA PHE A 32 3.29 1.22 -2.43
C PHE A 32 3.14 0.54 -1.07
N LEU A 33 3.34 -0.77 -1.03
CA LEU A 33 3.24 -1.49 0.25
C LEU A 33 4.29 -1.00 1.23
N ALA A 34 5.53 -0.84 0.76
CA ALA A 34 6.60 -0.40 1.62
C ALA A 34 6.38 1.01 2.15
N ALA A 35 5.61 1.81 1.42
CA ALA A 35 5.31 3.16 1.87
C ALA A 35 4.41 3.16 3.13
N PHE A 36 3.80 2.02 3.43
CA PHE A 36 3.00 1.88 4.65
C PHE A 36 3.86 1.60 5.88
N ILE A 37 5.16 1.41 5.67
CA ILE A 37 6.09 1.11 6.77
C ILE A 37 6.78 2.39 7.27
N PRO A 38 6.57 2.75 8.54
CA PRO A 38 7.19 3.95 9.13
C PRO A 38 8.71 3.92 9.08
N THR A 46 -0.18 5.66 7.88
CA THR A 46 1.26 5.62 8.16
C THR A 46 1.57 4.84 9.44
N GLN A 47 0.78 5.02 10.51
CA GLN A 47 0.70 4.01 11.57
C GLN A 47 -0.45 3.03 11.25
N TYR A 48 -1.13 3.31 10.15
CA TYR A 48 -2.31 2.55 9.74
C TYR A 48 -2.08 1.03 9.60
N LEU A 49 -1.10 0.63 8.81
CA LEU A 49 -0.94 -0.81 8.55
C LEU A 49 -0.42 -1.51 9.81
N LYS A 50 0.42 -0.82 10.59
CA LYS A 50 0.90 -1.35 11.85
C LYS A 50 -0.27 -1.64 12.79
N THR A 51 -1.24 -0.73 12.81
CA THR A 51 -2.45 -0.93 13.60
C THR A 51 -3.22 -2.17 13.17
N LEU A 52 -3.37 -2.34 11.86
CA LEU A 52 -4.09 -3.49 11.33
C LEU A 52 -3.40 -4.80 11.65
N VAL A 53 -2.07 -4.84 11.47
CA VAL A 53 -1.30 -6.05 11.75
C VAL A 53 -1.41 -6.41 13.23
N LYS A 54 -1.35 -5.42 14.10
CA LYS A 54 -1.48 -5.68 15.53
C LYS A 54 -2.89 -6.17 15.87
N ARG A 55 -3.91 -5.57 15.25
CA ARG A 55 -5.28 -6.01 15.51
C ARG A 55 -5.51 -7.45 15.07
N ALA A 56 -4.80 -7.86 14.03
CA ALA A 56 -4.88 -9.22 13.50
C ALA A 56 -4.14 -10.23 14.37
N ARG A 57 -3.48 -9.74 15.42
CA ARG A 57 -2.72 -10.56 16.37
C ARG A 57 -1.44 -11.13 15.76
N TYR A 58 -0.88 -10.40 14.80
CA TYR A 58 0.43 -10.72 14.24
C TYR A 58 1.49 -9.79 14.81
N GLU A 59 2.75 -10.16 14.61
CA GLU A 59 3.90 -9.36 15.04
C GLU A 59 4.36 -8.49 13.88
N TRP A 60 4.52 -7.19 14.12
CA TRP A 60 4.90 -6.27 13.05
C TRP A 60 6.21 -6.65 12.34
N GLY A 61 7.22 -7.04 13.10
CA GLY A 61 8.50 -7.36 12.50
C GLY A 61 8.42 -8.54 11.53
N ASP A 62 7.47 -9.43 11.76
CA ASP A 62 7.30 -10.58 10.86
C ASP A 62 6.87 -10.09 9.46
N PHE A 63 6.13 -8.99 9.41
CA PHE A 63 5.70 -8.40 8.14
C PHE A 63 6.79 -7.49 7.58
N GLU A 64 7.29 -6.59 8.42
CA GLU A 64 8.25 -5.60 7.95
C GLU A 64 9.49 -6.23 7.34
N ARG A 65 10.00 -7.30 7.94
CA ARG A 65 11.28 -7.83 7.46
C ARG A 65 11.12 -8.45 6.09
N ILE A 66 9.94 -8.98 5.79
CA ILE A 66 9.70 -9.59 4.48
C ILE A 66 9.55 -8.52 3.41
N VAL A 67 8.80 -7.46 3.69
CA VAL A 67 8.70 -6.37 2.73
C VAL A 67 10.08 -5.81 2.44
N ASN A 68 10.86 -5.56 3.48
CA ASN A 68 12.18 -4.99 3.28
C ASN A 68 13.10 -5.92 2.48
N ARG A 69 13.01 -7.22 2.76
CA ARG A 69 13.82 -8.17 2.04
C ARG A 69 13.52 -8.11 0.54
N HIS A 70 12.23 -8.04 0.20
CA HIS A 70 11.87 -7.96 -1.21
C HIS A 70 12.27 -6.61 -1.81
N LEU A 71 12.13 -5.55 -1.03
CA LEU A 71 12.44 -4.21 -1.49
C LEU A 71 13.91 -4.10 -1.91
N VAL A 72 14.83 -4.57 -1.07
CA VAL A 72 16.24 -4.37 -1.36
C VAL A 72 16.72 -5.29 -2.50
N LYS A 73 15.90 -6.27 -2.86
CA LYS A 73 16.26 -7.18 -3.95
C LYS A 73 15.71 -6.76 -5.32
N ILE A 74 14.90 -5.71 -5.37
CA ILE A 74 14.50 -5.19 -6.67
C ILE A 74 15.76 -4.73 -7.41
N PRO A 75 15.90 -5.10 -8.68
CA PRO A 75 17.15 -4.71 -9.34
C PRO A 75 17.29 -3.20 -9.49
N SER A 76 18.52 -2.74 -9.54
CA SER A 76 18.79 -1.33 -9.78
C SER A 76 19.19 -1.14 -11.24
N GLN A 77 19.00 0.08 -11.73
CA GLN A 77 19.30 0.41 -13.12
C GLN A 77 20.40 1.45 -13.17
N ASN A 78 21.35 1.27 -14.08
CA ASN A 78 22.41 2.26 -14.29
C ASN A 78 22.48 2.67 -15.75
N PRO A 79 22.20 3.95 -16.04
CA PRO A 79 21.78 4.99 -15.09
C PRO A 79 20.31 4.86 -14.71
N PRO A 80 19.92 5.42 -13.54
CA PRO A 80 18.53 5.40 -13.08
C PRO A 80 17.60 6.08 -14.07
N PRO A 81 16.31 5.72 -14.06
CA PRO A 81 15.37 6.39 -14.96
C PRO A 81 15.27 7.88 -14.62
N ASP A 82 15.14 8.73 -15.64
CA ASP A 82 14.91 10.15 -15.41
C ASP A 82 13.51 10.34 -14.84
N GLU A 83 12.60 9.48 -15.28
CA GLU A 83 11.22 9.51 -14.83
C GLU A 83 10.79 8.11 -14.41
N ILE A 84 10.28 7.97 -13.19
CA ILE A 84 9.81 6.66 -12.77
C ILE A 84 8.35 6.53 -13.10
N ARG A 85 8.02 5.45 -13.79
CA ARG A 85 6.65 5.21 -14.22
C ARG A 85 6.14 3.92 -13.61
N PRO A 86 4.81 3.83 -13.39
CA PRO A 86 4.27 2.60 -12.80
C PRO A 86 4.34 1.41 -13.74
N SER A 87 4.63 0.24 -13.19
CA SER A 87 4.41 -1.01 -13.91
C SER A 87 2.93 -1.14 -14.19
N TYR A 88 2.55 -2.05 -15.08
CA TYR A 88 1.13 -2.30 -15.32
C TYR A 88 0.41 -2.62 -14.02
N GLN A 89 1.01 -3.48 -13.20
CA GLN A 89 0.37 -3.89 -11.95
C GLN A 89 0.28 -2.74 -10.96
N ALA A 90 1.28 -1.87 -10.94
CA ALA A 90 1.23 -0.70 -10.06
C ALA A 90 0.10 0.23 -10.50
N GLY A 91 -0.07 0.40 -11.82
CA GLY A 91 -1.16 1.21 -12.33
C GLY A 91 -2.50 0.63 -11.93
N GLN A 92 -2.60 -0.70 -11.95
CA GLN A 92 -3.84 -1.36 -11.57
C GLN A 92 -4.17 -1.14 -10.09
N VAL A 93 -3.14 -1.04 -9.25
CA VAL A 93 -3.37 -0.76 -7.84
C VAL A 93 -4.06 0.59 -7.70
N LEU A 94 -3.57 1.60 -8.43
CA LEU A 94 -4.14 2.93 -8.31
C LEU A 94 -5.54 2.99 -8.90
N THR A 95 -5.72 2.33 -10.04
CA THR A 95 -7.04 2.29 -10.67
C THR A 95 -8.04 1.60 -9.74
N LYS A 96 -7.62 0.48 -9.13
CA LYS A 96 -8.50 -0.25 -8.21
C LYS A 96 -8.80 0.56 -6.94
N ALA A 97 -7.82 1.32 -6.44
CA ALA A 97 -8.05 2.14 -5.26
C ALA A 97 -9.19 3.14 -5.53
N ASN A 98 -9.17 3.74 -6.72
CA ASN A 98 -10.26 4.63 -7.13
C ASN A 98 -11.62 3.93 -7.20
N LYS A 99 -11.62 2.69 -7.71
CA LYS A 99 -12.85 1.95 -7.85
C LYS A 99 -13.40 1.58 -6.47
N ILE A 100 -12.50 1.20 -5.57
CA ILE A 100 -12.91 0.87 -4.20
C ILE A 100 -13.47 2.11 -3.49
N LYS A 101 -12.82 3.25 -3.66
CA LYS A 101 -13.37 4.51 -3.14
C LYS A 101 -14.79 4.75 -3.64
N GLN A 102 -15.04 4.50 -4.93
CA GLN A 102 -16.36 4.71 -5.51
C GLN A 102 -17.38 3.70 -4.97
N GLN A 103 -16.97 2.44 -4.86
CA GLN A 103 -17.87 1.43 -4.32
C GLN A 103 -18.24 1.71 -2.87
N GLN A 104 -17.27 2.20 -2.10
CA GLN A 104 -17.53 2.47 -0.68
C GLN A 104 -18.23 3.80 -0.48
N LYS A 105 -18.43 4.54 -1.57
CA LYS A 105 -19.07 5.86 -1.53
C LYS A 105 -18.31 6.82 -0.61
N ASP A 106 -16.99 6.70 -0.63
CA ASP A 106 -16.13 7.65 0.07
C ASP A 106 -15.87 8.88 -0.80
N SER A 107 -15.47 9.99 -0.17
CA SER A 107 -15.31 11.26 -0.89
C SER A 107 -13.89 11.52 -1.39
N TYR A 108 -12.95 10.75 -0.85
CA TYR A 108 -11.51 10.91 -1.14
C TYR A 108 -10.89 9.53 -1.23
N VAL A 109 -9.95 9.33 -2.16
CA VAL A 109 -9.14 8.11 -2.20
C VAL A 109 -8.20 8.16 -1.00
N ALA A 110 -8.23 7.09 -0.21
CA ALA A 110 -7.65 7.06 1.11
C ALA A 110 -6.58 6.00 1.19
N GLN A 111 -5.79 6.03 2.26
CA GLN A 111 -4.80 4.96 2.44
C GLN A 111 -5.50 3.60 2.53
N ASP A 112 -6.71 3.58 3.09
CA ASP A 112 -7.48 2.34 3.17
C ASP A 112 -7.69 1.74 1.78
N HIS A 113 -8.00 2.58 0.81
CA HIS A 113 -8.36 2.08 -0.52
C HIS A 113 -7.12 1.55 -1.21
N ILE A 114 -6.00 2.23 -1.01
CA ILE A 114 -4.75 1.79 -1.59
C ILE A 114 -4.37 0.44 -1.00
N LEU A 115 -4.49 0.30 0.31
CA LEU A 115 -4.17 -1.00 0.94
C LEU A 115 -5.09 -2.09 0.44
N LEU A 116 -6.40 -1.82 0.41
CA LEU A 116 -7.35 -2.84 -0.06
C LEU A 116 -7.06 -3.28 -1.49
N ALA A 117 -6.62 -2.34 -2.33
CA ALA A 117 -6.21 -2.65 -3.69
C ALA A 117 -4.93 -3.47 -3.72
N LEU A 118 -3.97 -3.12 -2.87
CA LEU A 118 -2.73 -3.89 -2.78
C LEU A 118 -3.00 -5.34 -2.39
N LEU A 119 -4.00 -5.56 -1.53
CA LEU A 119 -4.25 -6.92 -1.05
C LEU A 119 -4.84 -7.82 -2.14
N GLU A 120 -5.21 -7.22 -3.28
CA GLU A 120 -5.70 -8.01 -4.42
C GLU A 120 -4.60 -8.27 -5.46
N ASP A 121 -3.42 -7.72 -5.22
CA ASP A 121 -2.31 -7.88 -6.16
C ASP A 121 -1.52 -9.15 -5.87
N GLN A 122 -1.21 -9.95 -6.89
CA GLN A 122 -0.60 -11.25 -6.63
C GLN A 122 0.76 -11.13 -5.95
N SER A 123 1.58 -10.15 -6.33
CA SER A 123 2.91 -10.06 -5.74
C SER A 123 2.79 -9.72 -4.26
N ILE A 124 1.81 -8.89 -3.92
CA ILE A 124 1.58 -8.54 -2.52
C ILE A 124 1.01 -9.72 -1.75
N LYS A 125 0.04 -10.43 -2.32
CA LYS A 125 -0.48 -11.62 -1.66
C LYS A 125 0.65 -12.62 -1.36
N ASP A 126 1.59 -12.76 -2.28
CA ASP A 126 2.70 -13.69 -2.10
C ASP A 126 3.56 -13.27 -0.90
N ILE A 127 3.75 -11.97 -0.75
CA ILE A 127 4.53 -11.40 0.37
C ILE A 127 3.89 -11.66 1.74
N PHE A 128 2.57 -11.45 1.83
CA PHE A 128 1.89 -11.75 3.09
C PHE A 128 1.96 -13.23 3.44
N LYS A 129 1.79 -14.10 2.45
CA LYS A 129 1.90 -15.53 2.71
C LYS A 129 3.30 -15.90 3.21
N GLU A 130 4.32 -15.33 2.58
CA GLU A 130 5.69 -15.61 2.97
C GLU A 130 5.93 -15.17 4.41
N ALA A 131 5.32 -14.04 4.78
CA ALA A 131 5.45 -13.51 6.14
C ALA A 131 4.78 -14.41 7.16
N GLY A 132 3.84 -15.23 6.68
CA GLY A 132 3.12 -16.12 7.57
C GLY A 132 1.77 -15.55 7.98
N MET A 133 1.27 -14.62 7.17
CA MET A 133 0.05 -13.90 7.52
C MET A 133 -1.06 -14.13 6.51
N SER A 134 -2.29 -14.21 7.02
CA SER A 134 -3.45 -14.36 6.15
C SER A 134 -3.85 -13.03 5.57
N VAL A 135 -3.87 -12.93 4.24
CA VAL A 135 -4.37 -11.71 3.59
C VAL A 135 -5.81 -11.42 4.00
N ASP A 136 -6.61 -12.48 4.11
CA ASP A 136 -8.01 -12.31 4.44
C ASP A 136 -8.16 -11.72 5.84
N THR A 137 -7.32 -12.16 6.76
CA THR A 137 -7.35 -11.65 8.13
C THR A 137 -7.00 -10.17 8.18
N ILE A 138 -5.97 -9.77 7.44
CA ILE A 138 -5.59 -8.36 7.39
C ILE A 138 -6.69 -7.53 6.74
N LYS A 139 -7.25 -8.06 5.66
CA LYS A 139 -8.31 -7.38 4.94
C LYS A 139 -9.53 -7.15 5.85
N THR A 140 -9.88 -8.17 6.64
CA THR A 140 -11.00 -8.04 7.58
C THR A 140 -10.72 -6.93 8.61
N GLN A 141 -9.47 -6.78 9.03
CA GLN A 141 -9.16 -5.71 9.97
C GLN A 141 -9.39 -4.35 9.31
N ALA A 142 -9.01 -4.22 8.04
CA ALA A 142 -9.20 -2.94 7.33
C ALA A 142 -10.68 -2.64 7.16
N ILE A 143 -11.45 -3.67 6.84
CA ILE A 143 -12.90 -3.53 6.68
C ILE A 143 -13.56 -3.11 8.00
N GLU A 144 -13.18 -3.77 9.09
CA GLU A 144 -13.78 -3.52 10.39
C GLU A 144 -13.35 -2.20 11.06
N LEU A 145 -12.15 -1.73 10.75
CA LEU A 145 -11.54 -0.62 11.48
C LEU A 145 -12.46 0.59 11.64
N ARG A 146 -13.01 1.06 10.53
CA ARG A 146 -13.79 2.30 10.59
C ARG A 146 -15.29 2.06 10.60
N GLY A 147 -15.70 0.79 10.53
CA GLY A 147 -17.12 0.47 10.52
C GLY A 147 -17.86 1.12 9.36
N SER A 148 -18.88 1.89 9.70
CA SER A 148 -19.66 2.60 8.69
C SER A 148 -19.26 4.06 8.56
N GLN A 149 -18.08 4.42 9.07
CA GLN A 149 -17.65 5.82 9.01
C GLN A 149 -17.17 6.17 7.61
N ARG A 150 -17.74 7.24 7.05
CA ARG A 150 -17.35 7.66 5.72
C ARG A 150 -15.99 8.35 5.72
N ILE A 151 -15.21 8.15 4.67
CA ILE A 151 -14.02 8.96 4.50
C ILE A 151 -14.47 10.23 3.77
N ASP A 152 -14.84 11.24 4.57
CA ASP A 152 -15.52 12.42 4.05
C ASP A 152 -14.72 13.71 4.24
N SER A 153 -13.43 13.57 4.51
CA SER A 153 -12.52 14.71 4.60
C SER A 153 -11.13 14.25 4.23
N ARG A 154 -10.24 15.21 3.98
CA ARG A 154 -8.88 14.85 3.59
C ARG A 154 -8.07 14.34 4.78
N GLN A 155 -8.65 14.36 5.97
CA GLN A 155 -7.99 13.75 7.13
C GLN A 155 -8.78 12.60 7.74
N ALA A 156 -9.82 12.15 7.05
CA ALA A 156 -10.75 11.19 7.65
C ALA A 156 -10.21 9.77 7.71
N ASP A 157 -9.07 9.52 7.07
CA ASP A 157 -8.48 8.19 7.12
C ASP A 157 -7.32 8.16 8.11
N SER A 158 -7.34 9.06 9.08
CA SER A 158 -6.33 9.07 10.13
C SER A 158 -6.55 7.87 11.04
#